data_3BOH
#
_entry.id   3BOH
#
_cell.length_a   125.390
_cell.length_b   43.540
_cell.length_c   76.770
_cell.angle_alpha   90.00
_cell.angle_beta   92.40
_cell.angle_gamma   90.00
#
_symmetry.space_group_name_H-M   'C 1 2 1'
#
loop_
_entity.id
_entity.type
_entity.pdbx_description
1 polymer 'Cadmium-specific carbonic anhydrase'
2 non-polymer 'CADMIUM ION'
3 non-polymer 'ACETATE ION'
4 water water
#
_entity_poly.entity_id   1
_entity_poly.type   'polypeptide(L)'
_entity_poly.pdbx_seq_one_letter_code
;SHMSLTPDQIVAALQERGWQAEIVTEFSLLNEMVDVDPQGILKCVDGRGSDNTQFCGPKMPGGIYAIAHNRGVTTLEGLK
QITKEVASKGHVPSVHGDHSSDMLGCGFFKLWVTGRFDDMGYPRPQFDADQGAKAVENAGGVIEMHHGSHAEKVVYINLV
ENKTLEPDEDDQRFIVDGWAAGKFGLDVPKFLIAAAATVEMLGGPKKAKIVIP
;
_entity_poly.pdbx_strand_id   A,B
#
loop_
_chem_comp.id
_chem_comp.type
_chem_comp.name
_chem_comp.formula
ACT non-polymer 'ACETATE ION' 'C2 H3 O2 -1'
CD non-polymer 'CADMIUM ION' 'Cd 2'
#
# COMPACT_ATOMS: atom_id res chain seq x y z
N SER A 1 21.70 4.45 18.64
CA SER A 1 21.55 4.95 20.04
C SER A 1 20.71 3.97 20.86
N HIS A 2 20.75 4.11 22.18
CA HIS A 2 19.98 3.22 23.04
C HIS A 2 18.49 3.59 23.09
N MET A 3 17.63 2.58 23.07
CA MET A 3 16.19 2.80 23.13
C MET A 3 15.82 3.30 24.54
N SER A 4 16.69 2.96 25.50
CA SER A 4 16.61 3.30 26.92
C SER A 4 15.30 3.16 27.69
N LEU A 5 14.16 3.24 27.02
CA LEU A 5 12.89 3.07 27.75
C LEU A 5 12.40 1.63 27.59
N THR A 6 11.91 1.02 28.66
CA THR A 6 11.38 -0.32 28.53
C THR A 6 9.93 -0.14 28.09
N PRO A 7 9.32 -1.20 27.53
CA PRO A 7 7.92 -1.06 27.12
C PRO A 7 7.04 -0.59 28.29
N ASP A 8 7.27 -1.13 29.48
CA ASP A 8 6.44 -0.71 30.61
C ASP A 8 6.65 0.78 30.91
N GLN A 9 7.87 1.27 30.72
CA GLN A 9 8.14 2.68 30.96
C GLN A 9 7.40 3.57 29.96
N ILE A 10 7.33 3.11 28.71
CA ILE A 10 6.63 3.88 27.69
C ILE A 10 5.13 3.90 28.06
N VAL A 11 4.56 2.76 28.40
CA VAL A 11 3.15 2.72 28.78
C VAL A 11 2.90 3.66 29.95
N ALA A 12 3.77 3.62 30.96
CA ALA A 12 3.61 4.47 32.13
C ALA A 12 3.67 5.97 31.83
N ALA A 13 4.61 6.34 30.97
CA ALA A 13 4.76 7.74 30.61
C ALA A 13 3.52 8.24 29.89
N LEU A 14 2.99 7.42 28.99
CA LEU A 14 1.81 7.82 28.25
C LEU A 14 0.60 7.90 29.16
N GLN A 15 0.48 6.96 30.10
CA GLN A 15 -0.66 7.03 31.02
C GLN A 15 -0.57 8.30 31.86
N GLU A 16 0.65 8.68 32.23
CA GLU A 16 0.83 9.90 33.02
C GLU A 16 0.38 11.12 32.19
N ARG A 17 0.43 10.99 30.86
CA ARG A 17 0.00 12.07 29.98
C ARG A 17 -1.49 12.01 29.68
N GLY A 18 -2.18 11.08 30.33
CA GLY A 18 -3.62 10.96 30.11
C GLY A 18 -4.02 9.99 29.01
N TRP A 19 -3.08 9.21 28.52
CA TRP A 19 -3.37 8.23 27.47
C TRP A 19 -3.83 6.89 28.04
N GLN A 20 -4.48 6.12 27.17
CA GLN A 20 -4.85 4.74 27.47
C GLN A 20 -3.65 4.11 26.73
N ALA A 21 -2.95 3.16 27.37
CA ALA A 21 -1.82 2.53 26.70
C ALA A 21 -1.64 1.10 27.19
N GLU A 22 -1.24 0.22 26.28
CA GLU A 22 -1.05 -1.19 26.61
C GLU A 22 0.04 -1.77 25.73
N ILE A 23 0.50 -2.95 26.09
CA ILE A 23 1.54 -3.62 25.34
C ILE A 23 0.90 -4.76 24.56
N VAL A 24 1.33 -4.95 23.31
CA VAL A 24 0.81 -6.05 22.49
C VAL A 24 2.04 -6.73 21.89
N THR A 25 1.92 -8.02 21.57
CA THR A 25 3.05 -8.77 21.06
C THR A 25 3.17 -8.75 19.55
N GLU A 26 4.39 -8.95 19.07
CA GLU A 26 4.60 -9.03 17.62
C GLU A 26 3.71 -10.23 17.19
N PHE A 27 3.67 -11.26 18.03
CA PHE A 27 2.85 -12.43 17.68
C PHE A 27 1.40 -12.04 17.40
N SER A 28 0.83 -11.18 18.23
CA SER A 28 -0.57 -10.82 18.04
C SER A 28 -0.81 -10.10 16.72
N LEU A 29 0.25 -9.57 16.13
CA LEU A 29 0.15 -8.84 14.88
C LEU A 29 0.93 -9.50 13.74
N LEU A 30 1.24 -10.78 13.89
CA LEU A 30 2.01 -11.49 12.89
C LEU A 30 1.56 -11.29 11.45
N ASN A 31 0.26 -11.33 11.23
CA ASN A 31 -0.24 -11.16 9.86
C ASN A 31 -0.23 -9.73 9.36
N GLU A 32 -0.19 -8.77 10.27
CA GLU A 32 -0.16 -7.36 9.89
C GLU A 32 1.23 -6.80 9.67
N MET A 33 2.18 -7.24 10.47
CA MET A 33 3.53 -6.70 10.34
C MET A 33 4.25 -7.18 9.11
N VAL A 34 5.14 -6.34 8.60
CA VAL A 34 5.90 -6.67 7.41
C VAL A 34 7.36 -6.30 7.61
N ASP A 35 8.24 -7.09 7.01
CA ASP A 35 9.66 -6.80 7.10
C ASP A 35 9.91 -5.53 6.32
N VAL A 36 10.82 -4.69 6.80
CA VAL A 36 11.10 -3.46 6.07
C VAL A 36 11.76 -3.76 4.76
N ASP A 37 11.28 -3.11 3.71
CA ASP A 37 11.79 -3.23 2.36
C ASP A 37 12.63 -2.00 2.08
N PRO A 38 13.92 -2.20 1.75
CA PRO A 38 14.83 -1.07 1.47
C PRO A 38 14.28 -0.14 0.39
N GLN A 39 13.42 -0.65 -0.49
CA GLN A 39 12.88 0.19 -1.55
C GLN A 39 11.69 1.02 -1.09
N GLY A 40 11.25 0.80 0.15
CA GLY A 40 10.10 1.55 0.63
C GLY A 40 10.50 2.88 1.22
N ILE A 41 9.63 3.87 1.11
CA ILE A 41 9.99 5.17 1.67
C ILE A 41 9.84 5.23 3.19
N LEU A 42 10.75 5.97 3.82
CA LEU A 42 10.69 6.22 5.26
C LEU A 42 9.71 7.39 5.18
N LYS A 43 8.53 7.20 5.75
CA LYS A 43 7.45 8.18 5.63
C LYS A 43 6.77 8.50 6.94
N CYS A 44 5.81 9.42 6.89
CA CYS A 44 5.11 9.83 8.09
C CYS A 44 4.23 8.77 8.75
N VAL A 45 3.95 8.99 10.03
CA VAL A 45 3.12 8.13 10.84
C VAL A 45 1.64 8.31 10.46
N ASP A 46 1.39 9.31 9.62
CA ASP A 46 0.07 9.66 9.10
C ASP A 46 -0.67 8.37 8.70
N GLY A 47 -1.92 8.22 9.14
CA GLY A 47 -2.65 7.01 8.80
C GLY A 47 -3.52 7.06 7.54
N ARG A 48 -3.49 8.16 6.81
CA ARG A 48 -4.32 8.30 5.62
C ARG A 48 -3.82 7.63 4.36
N GLY A 49 -4.68 7.49 3.38
CA GLY A 49 -4.25 6.91 2.11
C GLY A 49 -3.44 7.98 1.41
N SER A 50 -2.66 7.60 0.39
CA SER A 50 -1.83 8.59 -0.32
C SER A 50 -1.45 8.01 -1.68
N ASP A 51 -0.57 8.71 -2.39
CA ASP A 51 -0.09 8.23 -3.68
C ASP A 51 1.19 7.40 -3.55
N ASN A 52 1.51 6.95 -2.35
CA ASN A 52 2.71 6.14 -2.18
C ASN A 52 2.62 4.82 -2.92
N THR A 53 3.71 4.46 -3.60
CA THR A 53 3.82 3.21 -4.32
C THR A 53 5.07 2.43 -3.86
N GLN A 54 5.77 2.99 -2.87
CA GLN A 54 6.99 2.41 -2.31
C GLN A 54 6.73 2.02 -0.87
N PHE A 55 6.19 0.81 -0.72
CA PHE A 55 5.74 0.29 0.56
C PHE A 55 6.73 -0.37 1.50
N CYS A 56 6.22 -0.64 2.70
CA CYS A 56 6.97 -1.33 3.73
C CYS A 56 8.22 -0.61 4.25
N GLY A 57 8.17 0.71 4.28
CA GLY A 57 9.31 1.48 4.81
C GLY A 57 9.01 1.91 6.24
N PRO A 58 10.01 2.39 7.01
CA PRO A 58 9.75 2.81 8.40
C PRO A 58 8.87 4.05 8.50
N LYS A 59 8.16 4.17 9.64
CA LYS A 59 7.27 5.31 9.88
C LYS A 59 7.80 6.19 11.03
N MET A 60 7.99 7.48 10.77
CA MET A 60 8.47 8.43 11.78
C MET A 60 7.71 9.74 11.56
N PRO A 61 7.45 10.50 12.63
CA PRO A 61 6.71 11.76 12.44
C PRO A 61 7.29 12.68 11.39
N GLY A 62 6.49 13.02 10.36
CA GLY A 62 7.00 13.89 9.33
C GLY A 62 8.00 13.24 8.39
N GLY A 63 8.06 11.91 8.38
CA GLY A 63 9.02 11.25 7.51
C GLY A 63 10.42 11.57 8.01
N ILE A 64 11.34 11.94 7.13
CA ILE A 64 12.68 12.28 7.62
C ILE A 64 12.72 13.54 8.51
N TYR A 65 11.65 14.33 8.54
CA TYR A 65 11.67 15.51 9.41
C TYR A 65 11.84 15.08 10.87
N ALA A 66 11.41 13.86 11.21
CA ALA A 66 11.53 13.38 12.60
C ALA A 66 12.99 13.38 13.01
N ILE A 67 13.84 13.05 12.05
CA ILE A 67 15.28 12.97 12.33
C ILE A 67 15.89 14.35 12.51
N ALA A 68 15.55 15.28 11.62
CA ALA A 68 16.08 16.63 11.72
C ALA A 68 15.58 17.26 13.00
N HIS A 69 14.30 17.08 13.27
CA HIS A 69 13.68 17.65 14.48
C HIS A 69 14.36 17.16 15.77
N ASN A 70 14.57 15.85 15.88
CA ASN A 70 15.18 15.28 17.09
C ASN A 70 16.62 15.77 17.27
N ARG A 71 17.32 15.93 16.16
CA ARG A 71 18.72 16.36 16.15
C ARG A 71 18.90 17.86 16.24
N GLY A 72 17.82 18.60 16.06
CA GLY A 72 17.90 20.04 16.10
C GLY A 72 18.54 20.59 14.85
N VAL A 73 18.37 19.90 13.72
CA VAL A 73 18.91 20.35 12.43
C VAL A 73 17.82 21.20 11.79
N THR A 74 18.13 22.47 11.53
CA THR A 74 17.13 23.41 11.02
C THR A 74 17.39 24.10 9.69
N THR A 75 18.47 23.71 9.02
CA THR A 75 18.80 24.32 7.74
C THR A 75 18.45 23.40 6.57
N LEU A 76 18.24 23.99 5.40
CA LEU A 76 17.95 23.20 4.23
C LEU A 76 19.15 22.31 3.92
N GLU A 77 20.36 22.82 4.14
CA GLU A 77 21.54 22.02 3.87
C GLU A 77 21.58 20.82 4.80
N GLY A 78 21.18 21.03 6.05
CA GLY A 78 21.17 19.92 7.00
C GLY A 78 20.13 18.91 6.59
N LEU A 79 19.01 19.42 6.07
CA LEU A 79 17.90 18.56 5.62
C LEU A 79 18.39 17.72 4.45
N LYS A 80 19.15 18.34 3.55
CA LYS A 80 19.70 17.63 2.39
C LYS A 80 20.64 16.51 2.86
N GLN A 81 21.50 16.79 3.84
CA GLN A 81 22.41 15.76 4.32
C GLN A 81 21.66 14.58 4.95
N ILE A 82 20.58 14.87 5.66
CA ILE A 82 19.79 13.82 6.28
C ILE A 82 19.11 12.99 5.18
N THR A 83 18.62 13.66 4.16
CA THR A 83 17.98 12.97 3.04
C THR A 83 18.97 11.93 2.49
N LYS A 84 20.20 12.37 2.21
CA LYS A 84 21.22 11.46 1.67
C LYS A 84 21.63 10.39 2.66
N GLU A 85 21.66 10.72 3.95
CA GLU A 85 22.02 9.77 4.99
C GLU A 85 21.00 8.63 5.05
N VAL A 86 19.72 8.98 4.99
CA VAL A 86 18.69 7.98 5.06
C VAL A 86 18.80 7.04 3.86
N ALA A 87 18.99 7.62 2.69
CA ALA A 87 19.12 6.83 1.47
C ALA A 87 20.29 5.87 1.59
N SER A 88 21.38 6.34 2.18
CA SER A 88 22.57 5.51 2.35
C SER A 88 22.40 4.45 3.43
N LYS A 89 21.30 4.53 4.19
CA LYS A 89 21.07 3.56 5.26
C LYS A 89 19.91 2.56 5.07
N GLY A 90 19.58 2.26 3.81
CA GLY A 90 18.56 1.27 3.54
C GLY A 90 17.11 1.67 3.43
N HIS A 91 16.84 2.95 3.16
CA HIS A 91 15.47 3.43 3.02
C HIS A 91 15.42 4.56 1.99
N VAL A 92 14.28 4.75 1.33
CA VAL A 92 14.11 5.85 0.38
C VAL A 92 13.51 6.98 1.24
N PRO A 93 14.24 8.10 1.38
CA PRO A 93 13.76 9.23 2.18
C PRO A 93 12.56 9.95 1.59
N SER A 94 11.64 10.36 2.45
CA SER A 94 10.47 11.10 2.00
C SER A 94 9.97 12.08 3.06
N VAL A 95 9.20 13.07 2.59
CA VAL A 95 8.43 13.99 3.45
C VAL A 95 7.13 14.06 2.65
N HIS A 96 6.09 14.69 3.18
CA HIS A 96 4.82 14.66 2.46
C HIS A 96 3.95 15.86 2.71
N GLY A 97 2.89 15.97 1.91
CA GLY A 97 1.91 17.03 2.07
C GLY A 97 0.58 16.36 1.76
N ASP A 98 -0.47 17.13 1.45
CA ASP A 98 -1.73 16.52 1.07
C ASP A 98 -2.43 17.44 0.06
N HIS A 99 -3.55 16.99 -0.48
CA HIS A 99 -4.23 17.79 -1.48
C HIS A 99 -4.98 18.99 -0.97
N SER A 100 -5.45 18.90 0.27
CA SER A 100 -6.20 19.99 0.88
C SER A 100 -5.34 21.15 1.37
N SER A 101 -4.13 20.85 1.85
CA SER A 101 -3.27 21.91 2.38
C SER A 101 -1.87 21.96 1.79
N ASP A 102 -1.66 21.25 0.69
CA ASP A 102 -0.35 21.22 0.07
C ASP A 102 0.71 20.77 1.06
N MET A 103 1.82 21.50 1.15
CA MET A 103 2.86 21.05 2.06
C MET A 103 2.59 21.30 3.55
N LEU A 104 1.52 21.99 3.89
CA LEU A 104 1.23 22.11 5.31
C LEU A 104 0.31 20.92 5.66
N GLY A 105 0.13 20.04 4.67
CA GLY A 105 -0.66 18.85 4.86
C GLY A 105 -0.01 17.85 5.81
N CYS A 106 1.26 18.07 6.20
CA CYS A 106 1.92 17.20 7.18
C CYS A 106 1.70 17.87 8.52
N GLY A 107 0.92 17.21 9.39
CA GLY A 107 0.63 17.76 10.69
C GLY A 107 1.89 18.02 11.49
N PHE A 108 2.79 17.05 11.51
CA PHE A 108 4.03 17.22 12.28
C PHE A 108 4.83 18.46 11.85
N PHE A 109 5.05 18.62 10.56
CA PHE A 109 5.81 19.79 10.14
C PHE A 109 5.08 21.09 10.42
N LYS A 110 3.75 21.08 10.32
CA LYS A 110 2.97 22.30 10.59
C LYS A 110 3.23 22.72 12.05
N LEU A 111 3.19 21.73 12.95
CA LEU A 111 3.41 21.99 14.36
C LEU A 111 4.83 22.50 14.54
N TRP A 112 5.79 21.91 13.83
CA TRP A 112 7.18 22.33 14.00
C TRP A 112 7.44 23.72 13.48
N VAL A 113 7.07 23.95 12.23
CA VAL A 113 7.31 25.24 11.63
C VAL A 113 6.58 26.40 12.31
N THR A 114 5.45 26.14 12.96
CA THR A 114 4.73 27.21 13.62
C THR A 114 5.09 27.37 15.10
N GLY A 115 6.12 26.64 15.54
CA GLY A 115 6.59 26.75 16.91
C GLY A 115 5.91 26.00 18.03
N ARG A 116 5.11 24.98 17.73
CA ARG A 116 4.42 24.21 18.76
C ARG A 116 5.40 23.37 19.60
N PHE A 117 6.64 23.26 19.14
CA PHE A 117 7.63 22.50 19.92
C PHE A 117 8.62 23.44 20.62
N ASP A 118 8.46 24.75 20.44
CA ASP A 118 9.38 25.70 21.07
C ASP A 118 9.57 25.38 22.55
N ASP A 119 8.45 25.25 23.26
CA ASP A 119 8.46 24.98 24.69
C ASP A 119 8.99 23.61 25.10
N MET A 120 9.23 22.72 24.15
CA MET A 120 9.76 21.42 24.48
C MET A 120 11.27 21.42 24.24
N GLY A 121 11.81 22.60 23.92
CA GLY A 121 13.25 22.70 23.69
C GLY A 121 13.76 22.54 22.28
N TYR A 122 12.87 22.51 21.30
CA TYR A 122 13.28 22.33 19.89
C TYR A 122 13.51 23.65 19.15
N PRO A 123 14.56 23.72 18.31
CA PRO A 123 14.80 24.95 17.56
C PRO A 123 13.82 24.90 16.40
N ARG A 124 13.41 26.06 15.87
CA ARG A 124 12.46 26.08 14.75
C ARG A 124 13.17 25.93 13.42
N PRO A 125 12.49 25.35 12.42
CA PRO A 125 13.15 25.19 11.11
C PRO A 125 13.41 26.59 10.53
N GLN A 126 14.48 26.73 9.76
CA GLN A 126 14.82 27.99 9.13
C GLN A 126 14.36 27.98 7.67
N PHE A 127 13.28 27.26 7.40
CA PHE A 127 12.74 27.14 6.04
C PHE A 127 11.25 26.79 6.17
N ASP A 128 10.48 27.01 5.10
CA ASP A 128 9.05 26.68 5.19
C ASP A 128 8.80 25.33 4.51
N ALA A 129 7.55 24.88 4.56
CA ALA A 129 7.16 23.59 4.02
C ALA A 129 7.52 23.41 2.55
N ASP A 130 7.26 24.43 1.73
CA ASP A 130 7.61 24.31 0.31
C ASP A 130 9.11 24.18 0.10
N GLN A 131 9.89 25.01 0.80
CA GLN A 131 11.35 24.97 0.67
C GLN A 131 11.90 23.63 1.12
N GLY A 132 11.35 23.08 2.19
CA GLY A 132 11.82 21.79 2.68
C GLY A 132 11.56 20.69 1.66
N ALA A 133 10.36 20.71 1.08
CA ALA A 133 10.02 19.68 0.10
C ALA A 133 10.94 19.76 -1.11
N LYS A 134 11.19 20.97 -1.58
CA LYS A 134 12.07 21.18 -2.74
C LYS A 134 13.47 20.64 -2.46
N ALA A 135 13.96 20.90 -1.25
CA ALA A 135 15.28 20.45 -0.87
C ALA A 135 15.33 18.92 -0.79
N VAL A 136 14.33 18.31 -0.18
CA VAL A 136 14.32 16.85 -0.09
C VAL A 136 14.25 16.22 -1.49
N GLU A 137 13.41 16.78 -2.36
CA GLU A 137 13.30 16.22 -3.70
C GLU A 137 14.61 16.40 -4.47
N ASN A 138 15.22 17.56 -4.32
CA ASN A 138 16.50 17.84 -5.00
C ASN A 138 17.58 16.89 -4.56
N ALA A 139 17.54 16.48 -3.29
CA ALA A 139 18.55 15.58 -2.77
C ALA A 139 18.23 14.12 -3.07
N GLY A 140 17.15 13.88 -3.83
CA GLY A 140 16.81 12.52 -4.22
C GLY A 140 15.67 11.85 -3.46
N GLY A 141 14.99 12.61 -2.60
CA GLY A 141 13.91 12.03 -1.82
C GLY A 141 12.60 12.04 -2.59
N VAL A 142 11.60 11.43 -1.98
CA VAL A 142 10.27 11.32 -2.53
C VAL A 142 9.33 12.28 -1.80
N ILE A 143 8.45 12.93 -2.55
CA ILE A 143 7.46 13.80 -1.93
C ILE A 143 6.11 13.07 -2.08
N GLU A 144 5.62 12.54 -0.97
CA GLU A 144 4.36 11.81 -0.96
C GLU A 144 3.21 12.79 -0.73
N MET A 145 2.00 12.49 -1.26
CA MET A 145 0.86 13.38 -1.02
C MET A 145 -0.34 12.54 -0.64
N HIS A 146 -0.89 12.82 0.54
CA HIS A 146 -2.07 12.11 1.04
C HIS A 146 -3.37 12.73 0.58
N HIS A 147 -4.47 12.03 0.82
CA HIS A 147 -5.78 12.52 0.48
C HIS A 147 -6.72 12.18 1.63
N GLY A 148 -7.85 12.84 1.67
CA GLY A 148 -8.83 12.56 2.70
C GLY A 148 -8.57 13.19 4.05
N SER A 149 -9.44 12.89 5.01
CA SER A 149 -9.35 13.44 6.36
C SER A 149 -8.73 12.42 7.31
N HIS A 150 -8.06 12.91 8.34
CA HIS A 150 -7.47 12.05 9.35
C HIS A 150 -8.55 11.30 10.13
N ALA A 151 -8.40 10.00 10.27
CA ALA A 151 -9.39 9.22 11.01
C ALA A 151 -8.70 8.16 11.86
N GLU A 152 -7.46 8.43 12.24
CA GLU A 152 -6.71 7.46 13.04
C GLU A 152 -7.46 7.13 14.34
N LYS A 153 -7.49 5.84 14.68
CA LYS A 153 -8.22 5.38 15.86
C LYS A 153 -7.32 5.01 17.00
N VAL A 154 -6.07 4.75 16.68
CA VAL A 154 -5.12 4.31 17.69
C VAL A 154 -3.71 4.61 17.20
N VAL A 155 -2.76 4.54 18.12
CA VAL A 155 -1.37 4.77 17.80
C VAL A 155 -0.58 3.51 18.12
N TYR A 156 0.14 2.98 17.13
CA TYR A 156 0.97 1.82 17.42
C TYR A 156 2.40 2.31 17.58
N ILE A 157 3.05 1.97 18.69
CA ILE A 157 4.44 2.35 18.87
C ILE A 157 5.16 1.02 18.71
N ASN A 158 5.75 0.82 17.53
CA ASN A 158 6.41 -0.45 17.20
C ASN A 158 7.88 -0.49 17.60
N LEU A 159 8.24 -1.46 18.44
CA LEU A 159 9.63 -1.60 18.89
C LEU A 159 10.30 -2.80 18.22
N VAL A 160 9.57 -3.47 17.33
CA VAL A 160 10.13 -4.62 16.63
C VAL A 160 11.05 -4.17 15.49
N GLU A 161 12.35 -4.40 15.68
CA GLU A 161 13.36 -4.01 14.70
C GLU A 161 13.13 -4.48 13.28
N ASN A 162 13.40 -3.61 12.32
CA ASN A 162 13.27 -3.90 10.89
C ASN A 162 11.95 -4.44 10.39
N LYS A 163 10.86 -4.04 11.03
CA LYS A 163 9.54 -4.44 10.61
C LYS A 163 8.68 -3.21 10.80
N THR A 164 7.53 -3.17 10.15
CA THR A 164 6.65 -2.02 10.30
C THR A 164 5.19 -2.47 10.10
N LEU A 165 4.27 -1.52 10.15
CA LEU A 165 2.85 -1.78 9.93
C LEU A 165 2.50 -0.79 8.85
N GLU A 166 1.57 -1.15 7.97
CA GLU A 166 1.19 -0.28 6.86
C GLU A 166 -0.11 0.45 7.08
N PRO A 167 -0.32 1.57 6.35
CA PRO A 167 -1.55 2.36 6.49
C PRO A 167 -2.75 1.58 5.96
N ASP A 168 -3.91 1.88 6.53
CA ASP A 168 -5.17 1.29 6.09
C ASP A 168 -6.10 2.49 6.02
N GLU A 169 -6.33 3.01 4.83
CA GLU A 169 -7.15 4.20 4.73
C GLU A 169 -8.57 4.08 5.27
N ASP A 170 -9.11 2.87 5.35
CA ASP A 170 -10.47 2.72 5.88
C ASP A 170 -10.56 2.33 7.37
N ASP A 171 -9.41 2.00 7.97
CA ASP A 171 -9.35 1.58 9.37
C ASP A 171 -7.99 2.11 9.77
N GLN A 172 -7.92 3.43 9.86
CA GLN A 172 -6.67 4.14 10.13
C GLN A 172 -6.06 4.06 11.50
N ARG A 173 -4.75 4.21 11.53
CA ARG A 173 -4.00 4.19 12.79
C ARG A 173 -2.70 4.94 12.55
N PHE A 174 -2.15 5.55 13.59
CA PHE A 174 -0.86 6.21 13.48
C PHE A 174 0.11 5.09 13.76
N ILE A 175 1.20 5.02 13.01
CA ILE A 175 2.20 3.99 13.23
C ILE A 175 3.53 4.68 13.46
N VAL A 176 4.13 4.43 14.62
CA VAL A 176 5.41 5.02 14.98
C VAL A 176 6.45 3.93 15.15
N ASP A 177 7.45 3.89 14.25
CA ASP A 177 8.48 2.86 14.37
C ASP A 177 9.57 3.35 15.31
N GLY A 178 9.33 3.15 16.60
CA GLY A 178 10.29 3.57 17.60
C GLY A 178 11.70 3.00 17.40
N TRP A 179 11.80 1.74 16.96
CA TRP A 179 13.11 1.15 16.74
C TRP A 179 13.92 1.95 15.73
N ALA A 180 13.24 2.60 14.77
CA ALA A 180 13.96 3.36 13.75
C ALA A 180 14.66 4.59 14.34
N ALA A 181 14.12 5.11 15.44
CA ALA A 181 14.76 6.25 16.08
C ALA A 181 16.11 5.76 16.62
N GLY A 182 16.11 4.55 17.15
CA GLY A 182 17.35 3.98 17.67
C GLY A 182 18.32 3.79 16.52
N LYS A 183 17.83 3.27 15.41
CA LYS A 183 18.69 3.03 14.24
C LYS A 183 19.39 4.30 13.80
N PHE A 184 18.68 5.42 13.86
CA PHE A 184 19.30 6.68 13.45
C PHE A 184 20.02 7.48 14.54
N GLY A 185 20.29 6.81 15.66
CA GLY A 185 21.01 7.44 16.75
C GLY A 185 20.32 8.58 17.44
N LEU A 186 19.00 8.63 17.31
CA LEU A 186 18.23 9.70 17.94
C LEU A 186 18.11 9.51 19.46
N ASP A 187 17.76 10.59 20.15
CA ASP A 187 17.52 10.49 21.58
C ASP A 187 16.13 9.87 21.59
N VAL A 188 16.04 8.58 21.91
CA VAL A 188 14.77 7.89 21.84
C VAL A 188 13.67 8.38 22.78
N PRO A 189 13.99 8.66 24.04
CA PRO A 189 12.92 9.15 24.92
C PRO A 189 12.34 10.47 24.37
N LYS A 190 13.21 11.37 23.88
CA LYS A 190 12.73 12.65 23.33
C LYS A 190 11.84 12.39 22.12
N PHE A 191 12.30 11.47 21.27
CA PHE A 191 11.56 11.10 20.05
C PHE A 191 10.17 10.55 20.38
N LEU A 192 10.10 9.60 21.31
CA LEU A 192 8.82 9.01 21.68
C LEU A 192 7.87 10.03 22.32
N ILE A 193 8.39 10.88 23.18
CA ILE A 193 7.54 11.87 23.81
C ILE A 193 7.11 12.92 22.78
N ALA A 194 7.98 13.24 21.82
CA ALA A 194 7.61 14.20 20.76
C ALA A 194 6.51 13.57 19.91
N ALA A 195 6.59 12.27 19.68
CA ALA A 195 5.56 11.60 18.89
C ALA A 195 4.23 11.64 19.65
N ALA A 196 4.27 11.43 20.96
CA ALA A 196 3.04 11.46 21.74
C ALA A 196 2.45 12.86 21.70
N ALA A 197 3.29 13.86 21.90
CA ALA A 197 2.84 15.26 21.93
C ALA A 197 2.26 15.66 20.57
N THR A 198 2.84 15.12 19.51
CA THR A 198 2.38 15.40 18.15
C THR A 198 0.94 14.92 18.00
N VAL A 199 0.67 13.70 18.42
CA VAL A 199 -0.68 13.13 18.32
C VAL A 199 -1.64 13.98 19.17
N GLU A 200 -1.19 14.36 20.37
CA GLU A 200 -2.01 15.19 21.25
C GLU A 200 -2.38 16.50 20.60
N MET A 201 -1.38 17.23 20.11
CA MET A 201 -1.61 18.55 19.53
C MET A 201 -2.40 18.52 18.23
N LEU A 202 -2.42 17.38 17.54
CA LEU A 202 -3.16 17.30 16.29
C LEU A 202 -4.55 16.75 16.53
N GLY A 203 -4.88 16.57 17.81
CA GLY A 203 -6.17 16.06 18.18
C GLY A 203 -6.38 14.60 17.86
N GLY A 204 -5.27 13.85 17.78
CA GLY A 204 -5.36 12.44 17.46
C GLY A 204 -5.83 11.68 18.69
N PRO A 205 -6.03 10.37 18.57
CA PRO A 205 -6.49 9.55 19.71
C PRO A 205 -5.38 9.26 20.70
N LYS A 206 -5.60 9.58 21.97
CA LYS A 206 -4.58 9.30 22.99
C LYS A 206 -4.75 7.86 23.45
N LYS A 207 -4.59 6.94 22.49
CA LYS A 207 -4.72 5.52 22.73
C LYS A 207 -3.51 4.86 22.08
N ALA A 208 -2.75 4.11 22.85
CA ALA A 208 -1.53 3.52 22.29
C ALA A 208 -1.37 2.02 22.54
N LYS A 209 -0.76 1.34 21.58
CA LYS A 209 -0.45 -0.07 21.71
C LYS A 209 1.03 -0.16 21.37
N ILE A 210 1.83 -0.56 22.37
CA ILE A 210 3.27 -0.71 22.22
C ILE A 210 3.53 -2.14 21.78
N VAL A 211 4.11 -2.31 20.61
CA VAL A 211 4.37 -3.64 20.04
C VAL A 211 5.76 -4.11 20.39
N ILE A 212 5.84 -5.22 21.13
CA ILE A 212 7.13 -5.76 21.57
C ILE A 212 7.55 -7.02 20.85
N PRO A 213 8.86 -7.22 20.65
CA PRO A 213 9.33 -8.43 19.97
C PRO A 213 9.36 -9.62 20.92
N SER B 1 -13.45 3.59 -3.53
CA SER B 1 -12.28 4.33 -2.97
C SER B 1 -11.66 5.20 -4.05
N HIS B 2 -10.69 6.01 -3.64
CA HIS B 2 -10.01 6.92 -4.57
C HIS B 2 -8.93 6.18 -5.35
N MET B 3 -8.83 6.47 -6.65
CA MET B 3 -7.81 5.84 -7.48
C MET B 3 -6.43 6.37 -7.09
N SER B 4 -6.44 7.53 -6.44
CA SER B 4 -5.26 8.26 -5.93
C SER B 4 -4.05 8.43 -6.84
N LEU B 5 -3.79 7.49 -7.74
CA LEU B 5 -2.64 7.66 -8.62
C LEU B 5 -3.09 8.19 -9.96
N THR B 6 -2.39 9.20 -10.47
CA THR B 6 -2.69 9.73 -11.79
C THR B 6 -2.00 8.79 -12.76
N PRO B 7 -2.35 8.88 -14.05
CA PRO B 7 -1.70 8.00 -15.04
C PRO B 7 -0.18 8.20 -15.04
N ASP B 8 0.25 9.46 -14.90
CA ASP B 8 1.68 9.72 -14.89
C ASP B 8 2.37 9.01 -13.71
N GLN B 9 1.71 8.99 -12.55
CA GLN B 9 2.29 8.34 -11.39
C GLN B 9 2.39 6.83 -11.53
N ILE B 10 1.43 6.24 -12.24
CA ILE B 10 1.46 4.81 -12.43
C ILE B 10 2.64 4.53 -13.36
N VAL B 11 2.74 5.29 -14.45
CA VAL B 11 3.84 5.11 -15.36
C VAL B 11 5.18 5.24 -14.64
N ALA B 12 5.33 6.31 -13.85
CA ALA B 12 6.57 6.56 -13.12
C ALA B 12 6.91 5.44 -12.15
N ALA B 13 5.91 4.95 -11.41
CA ALA B 13 6.17 3.87 -10.45
C ALA B 13 6.63 2.60 -11.16
N LEU B 14 6.02 2.28 -12.29
CA LEU B 14 6.43 1.08 -13.01
C LEU B 14 7.83 1.26 -13.59
N GLN B 15 8.14 2.46 -14.07
CA GLN B 15 9.47 2.68 -14.62
C GLN B 15 10.53 2.47 -13.53
N GLU B 16 10.23 2.93 -12.32
CA GLU B 16 11.14 2.77 -11.18
C GLU B 16 11.34 1.28 -10.89
N ARG B 17 10.39 0.44 -11.29
CA ARG B 17 10.52 -1.01 -11.06
C ARG B 17 11.16 -1.69 -12.25
N GLY B 18 11.65 -0.87 -13.18
CA GLY B 18 12.33 -1.37 -14.36
C GLY B 18 11.45 -1.70 -15.55
N TRP B 19 10.20 -1.24 -15.52
CA TRP B 19 9.25 -1.49 -16.60
C TRP B 19 9.33 -0.43 -17.69
N GLN B 20 8.81 -0.80 -18.85
CA GLN B 20 8.63 0.10 -19.94
C GLN B 20 7.15 0.45 -19.68
N ALA B 21 6.79 1.72 -19.72
CA ALA B 21 5.40 2.09 -19.47
C ALA B 21 5.02 3.38 -20.19
N GLU B 22 3.77 3.42 -20.69
CA GLU B 22 3.28 4.60 -21.41
C GLU B 22 1.77 4.71 -21.26
N ILE B 23 1.25 5.89 -21.62
CA ILE B 23 -0.17 6.17 -21.56
C ILE B 23 -0.78 6.12 -22.96
N VAL B 24 -1.95 5.48 -23.08
CA VAL B 24 -2.65 5.39 -24.35
C VAL B 24 -4.11 5.71 -24.10
N THR B 25 -4.82 6.16 -25.14
CA THR B 25 -6.22 6.51 -24.98
C THR B 25 -7.13 5.38 -25.39
N GLU B 26 -8.36 5.44 -24.92
CA GLU B 26 -9.39 4.46 -25.25
C GLU B 26 -9.54 4.40 -26.77
N PHE B 27 -9.48 5.56 -27.43
CA PHE B 27 -9.64 5.60 -28.88
C PHE B 27 -8.56 4.80 -29.59
N SER B 28 -7.35 4.82 -29.06
CA SER B 28 -6.28 4.08 -29.69
C SER B 28 -6.63 2.59 -29.70
N LEU B 29 -7.61 2.20 -28.89
CA LEU B 29 -8.01 0.79 -28.80
C LEU B 29 -9.35 0.50 -29.50
N LEU B 30 -10.01 1.55 -29.97
CA LEU B 30 -11.30 1.42 -30.65
C LEU B 30 -12.23 0.38 -30.04
N ASN B 31 -12.79 -0.49 -30.87
CA ASN B 31 -13.70 -1.52 -30.38
C ASN B 31 -13.08 -2.54 -29.42
N GLU B 32 -11.74 -2.61 -29.36
CA GLU B 32 -11.12 -3.53 -28.42
C GLU B 32 -11.62 -3.21 -27.03
N MET B 33 -11.79 -1.91 -26.73
CA MET B 33 -12.31 -1.52 -25.44
C MET B 33 -13.82 -1.73 -25.51
N VAL B 34 -14.34 -2.50 -24.57
CA VAL B 34 -15.75 -2.81 -24.54
C VAL B 34 -16.43 -2.45 -23.22
N ASP B 35 -17.69 -2.04 -23.29
CA ASP B 35 -18.45 -1.70 -22.10
C ASP B 35 -18.58 -2.97 -21.27
N VAL B 36 -18.51 -2.84 -19.95
CA VAL B 36 -18.67 -4.03 -19.12
C VAL B 36 -20.11 -4.55 -19.12
N ASP B 37 -20.25 -5.84 -19.36
CA ASP B 37 -21.55 -6.51 -19.40
C ASP B 37 -21.75 -7.11 -18.01
N PRO B 38 -22.83 -6.73 -17.31
CA PRO B 38 -23.08 -7.26 -15.97
C PRO B 38 -23.14 -8.78 -15.96
N GLN B 39 -23.41 -9.38 -17.11
CA GLN B 39 -23.48 -10.83 -17.17
C GLN B 39 -22.12 -11.49 -17.35
N GLY B 40 -21.07 -10.69 -17.48
CA GLY B 40 -19.73 -11.24 -17.65
C GLY B 40 -19.05 -11.56 -16.32
N ILE B 41 -18.19 -12.58 -16.31
CA ILE B 41 -17.50 -12.90 -15.06
C ILE B 41 -16.39 -11.91 -14.78
N LEU B 42 -16.23 -11.58 -13.50
CA LEU B 42 -15.11 -10.74 -13.05
C LEU B 42 -14.10 -11.88 -12.93
N LYS B 43 -13.09 -11.83 -13.80
CA LYS B 43 -12.10 -12.90 -13.88
C LYS B 43 -10.68 -12.37 -13.84
N CYS B 44 -9.74 -13.31 -13.96
CA CYS B 44 -8.32 -13.02 -13.91
C CYS B 44 -7.81 -12.23 -15.12
N VAL B 45 -6.64 -11.63 -14.90
CA VAL B 45 -5.92 -10.81 -15.86
C VAL B 45 -5.21 -11.71 -16.87
N ASP B 46 -5.17 -13.01 -16.55
CA ASP B 46 -4.56 -14.08 -17.37
C ASP B 46 -4.89 -13.84 -18.84
N GLY B 47 -3.91 -13.93 -19.73
CA GLY B 47 -4.22 -13.68 -21.13
C GLY B 47 -4.58 -14.89 -21.98
N ARG B 48 -4.66 -16.06 -21.35
CA ARG B 48 -4.95 -17.29 -22.10
C ARG B 48 -6.40 -17.51 -22.48
N GLY B 49 -6.59 -18.42 -23.44
CA GLY B 49 -7.93 -18.82 -23.84
C GLY B 49 -8.46 -19.68 -22.69
N SER B 50 -9.76 -19.89 -22.62
CA SER B 50 -10.34 -20.70 -21.53
C SER B 50 -11.73 -21.12 -21.93
N ASP B 51 -12.46 -21.71 -21.00
CA ASP B 51 -13.82 -22.14 -21.28
C ASP B 51 -14.86 -21.09 -20.90
N ASN B 52 -14.41 -19.85 -20.72
CA ASN B 52 -15.36 -18.80 -20.36
C ASN B 52 -16.35 -18.53 -21.50
N THR B 53 -17.62 -18.38 -21.14
CA THR B 53 -18.66 -18.04 -22.10
C THR B 53 -19.39 -16.80 -21.61
N GLN B 54 -18.87 -16.19 -20.55
CA GLN B 54 -19.48 -14.99 -19.93
C GLN B 54 -18.47 -13.85 -20.07
N PHE B 55 -18.53 -13.22 -21.24
CA PHE B 55 -17.58 -12.19 -21.61
C PHE B 55 -17.82 -10.77 -21.13
N CYS B 56 -16.81 -9.93 -21.33
CA CYS B 56 -16.84 -8.51 -21.00
C CYS B 56 -17.02 -8.12 -19.54
N GLY B 57 -16.49 -8.96 -18.65
CA GLY B 57 -16.53 -8.70 -17.22
C GLY B 57 -15.19 -8.08 -16.82
N PRO B 58 -15.08 -7.42 -15.65
CA PRO B 58 -13.82 -6.79 -15.22
C PRO B 58 -12.70 -7.79 -14.97
N LYS B 59 -11.46 -7.36 -15.17
CA LYS B 59 -10.31 -8.23 -14.96
C LYS B 59 -9.49 -7.76 -13.74
N MET B 60 -9.24 -8.69 -12.81
CA MET B 60 -8.46 -8.43 -11.60
C MET B 60 -7.61 -9.67 -11.36
N PRO B 61 -6.40 -9.50 -10.77
CA PRO B 61 -5.54 -10.65 -10.50
C PRO B 61 -6.24 -11.74 -9.72
N GLY B 62 -6.26 -12.96 -10.26
CA GLY B 62 -6.92 -14.06 -9.57
C GLY B 62 -8.44 -13.94 -9.53
N GLY B 63 -9.01 -13.07 -10.37
CA GLY B 63 -10.46 -12.91 -10.35
C GLY B 63 -10.83 -12.27 -9.02
N ILE B 64 -11.83 -12.81 -8.32
CA ILE B 64 -12.18 -12.16 -7.02
C ILE B 64 -11.13 -12.30 -5.92
N TYR B 65 -10.14 -13.16 -6.13
CA TYR B 65 -9.08 -13.26 -5.14
C TYR B 65 -8.34 -11.93 -4.98
N ALA B 66 -8.35 -11.07 -6.01
CA ALA B 66 -7.64 -9.78 -5.91
C ALA B 66 -8.24 -8.97 -4.77
N ILE B 67 -9.55 -9.11 -4.60
CA ILE B 67 -10.25 -8.38 -3.54
C ILE B 67 -9.90 -8.93 -2.15
N ALA B 68 -9.92 -10.25 -2.00
CA ALA B 68 -9.58 -10.84 -0.70
C ALA B 68 -8.14 -10.48 -0.35
N HIS B 69 -7.26 -10.63 -1.34
CA HIS B 69 -5.84 -10.36 -1.15
C HIS B 69 -5.59 -8.90 -0.72
N ASN B 70 -6.19 -7.95 -1.44
CA ASN B 70 -6.00 -6.53 -1.13
C ASN B 70 -6.50 -6.21 0.29
N ARG B 71 -7.59 -6.86 0.70
CA ARG B 71 -8.19 -6.62 2.03
C ARG B 71 -7.62 -7.44 3.18
N GLY B 72 -6.76 -8.39 2.85
CA GLY B 72 -6.19 -9.24 3.89
C GLY B 72 -7.21 -10.25 4.42
N VAL B 73 -8.22 -10.57 3.60
CA VAL B 73 -9.26 -11.55 3.97
C VAL B 73 -8.72 -12.93 3.59
N THR B 74 -8.49 -13.77 4.60
CA THR B 74 -7.88 -15.07 4.37
C THR B 74 -8.71 -16.31 4.70
N THR B 75 -9.99 -16.12 5.03
CA THR B 75 -10.83 -17.26 5.38
C THR B 75 -11.83 -17.60 4.29
N LEU B 76 -12.29 -18.85 4.34
CA LEU B 76 -13.27 -19.30 3.37
C LEU B 76 -14.57 -18.52 3.60
N GLU B 77 -14.93 -18.25 4.85
CA GLU B 77 -16.15 -17.51 5.08
C GLU B 77 -16.02 -16.12 4.48
N GLY B 78 -14.84 -15.52 4.64
CA GLY B 78 -14.62 -14.19 4.08
C GLY B 78 -14.65 -14.24 2.55
N LEU B 79 -14.17 -15.36 2.00
CA LEU B 79 -14.18 -15.49 0.53
C LEU B 79 -15.62 -15.62 0.03
N LYS B 80 -16.44 -16.36 0.78
CA LYS B 80 -17.83 -16.55 0.44
C LYS B 80 -18.55 -15.18 0.48
N GLN B 81 -18.24 -14.36 1.48
CA GLN B 81 -18.86 -13.05 1.56
C GLN B 81 -18.46 -12.15 0.39
N ILE B 82 -17.21 -12.26 -0.04
CA ILE B 82 -16.75 -11.44 -1.16
C ILE B 82 -17.44 -11.87 -2.45
N THR B 83 -17.64 -13.18 -2.61
CA THR B 83 -18.31 -13.72 -3.80
C THR B 83 -19.71 -13.08 -3.92
N LYS B 84 -20.45 -13.07 -2.82
CA LYS B 84 -21.79 -12.49 -2.82
C LYS B 84 -21.76 -10.97 -3.04
N GLU B 85 -20.74 -10.32 -2.48
CA GLU B 85 -20.59 -8.87 -2.61
C GLU B 85 -20.42 -8.52 -4.07
N VAL B 86 -19.54 -9.26 -4.75
CA VAL B 86 -19.28 -9.01 -6.14
C VAL B 86 -20.57 -9.22 -6.96
N ALA B 87 -21.30 -10.29 -6.68
CA ALA B 87 -22.55 -10.52 -7.44
C ALA B 87 -23.51 -9.34 -7.22
N SER B 88 -23.58 -8.86 -5.98
CA SER B 88 -24.48 -7.76 -5.67
C SER B 88 -24.06 -6.45 -6.35
N LYS B 89 -22.79 -6.34 -6.72
CA LYS B 89 -22.33 -5.11 -7.33
C LYS B 89 -22.29 -5.10 -8.85
N GLY B 90 -22.98 -6.06 -9.47
CA GLY B 90 -23.07 -6.07 -10.91
C GLY B 90 -22.15 -6.90 -11.76
N HIS B 91 -21.54 -7.94 -11.19
CA HIS B 91 -20.64 -8.81 -11.95
C HIS B 91 -20.79 -10.23 -11.45
N VAL B 92 -20.54 -11.21 -12.32
CA VAL B 92 -20.63 -12.60 -11.89
C VAL B 92 -19.23 -12.92 -11.34
N PRO B 93 -19.15 -13.29 -10.06
CA PRO B 93 -17.85 -13.60 -9.45
C PRO B 93 -17.25 -14.91 -9.94
N SER B 94 -15.94 -14.93 -10.11
CA SER B 94 -15.26 -16.14 -10.53
C SER B 94 -13.83 -16.21 -10.02
N VAL B 95 -13.29 -17.42 -10.07
CA VAL B 95 -11.88 -17.70 -9.80
C VAL B 95 -11.60 -18.77 -10.84
N HIS B 96 -10.34 -19.13 -11.06
CA HIS B 96 -10.06 -20.11 -12.10
C HIS B 96 -8.85 -20.97 -11.85
N GLY B 97 -8.74 -21.98 -12.72
CA GLY B 97 -7.63 -22.90 -12.74
C GLY B 97 -7.30 -23.13 -14.21
N ASP B 98 -6.60 -24.23 -14.50
CA ASP B 98 -6.28 -24.56 -15.87
C ASP B 98 -6.09 -26.07 -15.99
N HIS B 99 -5.91 -26.55 -17.22
CA HIS B 99 -5.79 -27.99 -17.40
C HIS B 99 -4.43 -28.61 -17.14
N SER B 100 -3.40 -27.78 -17.05
CA SER B 100 -2.07 -28.31 -16.79
C SER B 100 -1.83 -28.42 -15.29
N SER B 101 -2.32 -27.45 -14.54
CA SER B 101 -2.08 -27.40 -13.09
C SER B 101 -3.33 -27.42 -12.21
N ASP B 102 -4.48 -27.64 -12.82
CA ASP B 102 -5.74 -27.68 -12.08
C ASP B 102 -5.98 -26.38 -11.33
N MET B 103 -6.35 -26.42 -10.04
CA MET B 103 -6.66 -25.15 -9.40
C MET B 103 -5.46 -24.27 -9.06
N LEU B 104 -4.25 -24.83 -9.14
CA LEU B 104 -3.06 -24.00 -8.96
C LEU B 104 -2.70 -23.43 -10.32
N GLY B 105 -3.61 -23.58 -11.28
CA GLY B 105 -3.42 -23.02 -12.61
C GLY B 105 -3.58 -21.51 -12.65
N CYS B 106 -4.02 -20.90 -11.55
CA CYS B 106 -4.12 -19.44 -11.48
C CYS B 106 -2.80 -18.96 -10.88
N GLY B 107 -1.95 -18.34 -11.70
CA GLY B 107 -0.65 -17.89 -11.24
C GLY B 107 -0.70 -17.03 -9.99
N PHE B 108 -1.63 -16.08 -9.96
CA PHE B 108 -1.77 -15.18 -8.80
C PHE B 108 -2.06 -15.94 -7.50
N PHE B 109 -3.02 -16.86 -7.55
CA PHE B 109 -3.35 -17.57 -6.33
C PHE B 109 -2.19 -18.46 -5.90
N LYS B 110 -1.55 -19.12 -6.86
CA LYS B 110 -0.43 -19.98 -6.51
C LYS B 110 0.64 -19.14 -5.80
N LEU B 111 0.94 -17.94 -6.33
CA LEU B 111 1.90 -17.05 -5.67
C LEU B 111 1.44 -16.77 -4.23
N TRP B 112 0.16 -16.43 -4.09
CA TRP B 112 -0.35 -16.09 -2.76
C TRP B 112 -0.33 -17.26 -1.79
N VAL B 113 -0.86 -18.40 -2.20
CA VAL B 113 -0.94 -19.55 -1.32
C VAL B 113 0.43 -20.15 -0.96
N THR B 114 1.46 -19.87 -1.78
CA THR B 114 2.79 -20.39 -1.49
C THR B 114 3.69 -19.37 -0.78
N GLY B 115 3.10 -18.25 -0.37
CA GLY B 115 3.84 -17.21 0.34
C GLY B 115 4.71 -16.24 -0.42
N ARG B 116 4.57 -16.18 -1.75
CA ARG B 116 5.41 -15.27 -2.53
C ARG B 116 5.07 -13.79 -2.30
N PHE B 117 3.98 -13.53 -1.57
CA PHE B 117 3.62 -12.15 -1.27
C PHE B 117 4.01 -11.79 0.18
N ASP B 118 4.57 -12.75 0.90
CA ASP B 118 5.01 -12.51 2.28
C ASP B 118 5.78 -11.20 2.43
N ASP B 119 6.82 -11.04 1.62
CA ASP B 119 7.66 -9.85 1.68
C ASP B 119 7.01 -8.53 1.28
N MET B 120 5.81 -8.58 0.73
CA MET B 120 5.12 -7.35 0.36
C MET B 120 4.08 -6.98 1.43
N GLY B 121 4.10 -7.76 2.52
CA GLY B 121 3.23 -7.52 3.64
C GLY B 121 1.83 -8.09 3.56
N TYR B 122 1.66 -9.24 2.92
CA TYR B 122 0.34 -9.86 2.84
C TYR B 122 0.25 -11.11 3.70
N PRO B 123 -0.93 -11.34 4.31
CA PRO B 123 -1.13 -12.53 5.14
C PRO B 123 -1.46 -13.60 4.10
N ARG B 124 -1.18 -14.86 4.39
CA ARG B 124 -1.47 -15.92 3.45
C ARG B 124 -2.89 -16.43 3.61
N PRO B 125 -3.44 -17.07 2.57
CA PRO B 125 -4.79 -17.61 2.65
C PRO B 125 -4.74 -18.74 3.68
N GLN B 126 -5.85 -18.98 4.37
CA GLN B 126 -5.89 -20.07 5.33
C GLN B 126 -6.59 -21.26 4.70
N PHE B 127 -6.60 -21.32 3.36
CA PHE B 127 -7.26 -22.42 2.64
C PHE B 127 -6.46 -22.70 1.37
N ASP B 128 -6.70 -23.83 0.73
CA ASP B 128 -5.97 -24.13 -0.49
C ASP B 128 -6.82 -23.84 -1.73
N ALA B 129 -6.21 -24.02 -2.90
CA ALA B 129 -6.89 -23.72 -4.15
C ALA B 129 -8.18 -24.51 -4.37
N ASP B 130 -8.22 -25.74 -3.90
CA ASP B 130 -9.43 -26.54 -4.08
C ASP B 130 -10.53 -26.06 -3.16
N GLN B 131 -10.18 -25.79 -1.91
CA GLN B 131 -11.16 -25.31 -0.94
C GLN B 131 -11.69 -23.94 -1.38
N GLY B 132 -10.81 -23.09 -1.87
CA GLY B 132 -11.26 -21.78 -2.30
C GLY B 132 -12.25 -21.89 -3.44
N ALA B 133 -11.96 -22.73 -4.42
CA ALA B 133 -12.86 -22.87 -5.56
C ALA B 133 -14.22 -23.41 -5.10
N LYS B 134 -14.20 -24.44 -4.25
CA LYS B 134 -15.46 -25.01 -3.73
C LYS B 134 -16.31 -23.95 -3.05
N ALA B 135 -15.67 -23.13 -2.21
CA ALA B 135 -16.35 -22.06 -1.49
C ALA B 135 -16.98 -21.06 -2.46
N VAL B 136 -16.23 -20.66 -3.48
CA VAL B 136 -16.75 -19.70 -4.44
C VAL B 136 -17.93 -20.26 -5.19
N GLU B 137 -17.79 -21.48 -5.67
CA GLU B 137 -18.86 -22.12 -6.42
C GLU B 137 -20.09 -22.26 -5.52
N ASN B 138 -19.86 -22.62 -4.26
CA ASN B 138 -20.96 -22.78 -3.33
C ASN B 138 -21.69 -21.48 -3.01
N ALA B 139 -20.97 -20.37 -3.10
CA ALA B 139 -21.58 -19.07 -2.82
C ALA B 139 -22.17 -18.41 -4.07
N GLY B 140 -22.23 -19.16 -5.18
CA GLY B 140 -22.82 -18.63 -6.41
C GLY B 140 -21.88 -18.23 -7.54
N GLY B 141 -20.59 -18.41 -7.34
CA GLY B 141 -19.62 -18.04 -8.37
C GLY B 141 -19.38 -19.07 -9.45
N VAL B 142 -18.55 -18.68 -10.41
CA VAL B 142 -18.19 -19.48 -11.56
C VAL B 142 -16.75 -19.93 -11.44
N ILE B 143 -16.46 -21.17 -11.82
CA ILE B 143 -15.08 -21.64 -11.82
C ILE B 143 -14.66 -21.76 -13.29
N GLU B 144 -13.81 -20.86 -13.74
CA GLU B 144 -13.31 -20.84 -15.11
C GLU B 144 -12.06 -21.71 -15.19
N MET B 145 -11.82 -22.32 -16.35
CA MET B 145 -10.63 -23.15 -16.55
C MET B 145 -9.96 -22.80 -17.88
N HIS B 146 -8.69 -22.43 -17.79
CA HIS B 146 -7.91 -22.05 -18.96
C HIS B 146 -7.18 -23.22 -19.58
N HIS B 147 -6.60 -22.97 -20.74
CA HIS B 147 -5.83 -23.97 -21.46
C HIS B 147 -4.65 -23.28 -22.13
N GLY B 148 -3.63 -24.06 -22.46
CA GLY B 148 -2.49 -23.48 -23.14
C GLY B 148 -1.45 -22.86 -22.22
N SER B 149 -0.39 -22.33 -22.82
CA SER B 149 0.68 -21.71 -22.05
C SER B 149 0.53 -20.20 -22.08
N HIS B 150 1.08 -19.53 -21.07
CA HIS B 150 1.05 -18.08 -21.02
C HIS B 150 1.98 -17.54 -22.09
N ALA B 151 1.52 -16.53 -22.83
CA ALA B 151 2.32 -15.88 -23.87
C ALA B 151 1.96 -14.41 -23.94
N GLU B 152 1.66 -13.82 -22.80
CA GLU B 152 1.30 -12.41 -22.75
C GLU B 152 2.49 -11.55 -23.17
N LYS B 153 2.23 -10.57 -24.03
CA LYS B 153 3.30 -9.71 -24.54
C LYS B 153 3.29 -8.29 -24.00
N VAL B 154 2.24 -7.93 -23.27
CA VAL B 154 2.11 -6.59 -22.73
C VAL B 154 1.05 -6.59 -21.65
N VAL B 155 1.08 -5.57 -20.81
CA VAL B 155 0.12 -5.41 -19.72
C VAL B 155 -0.69 -4.14 -19.93
N TYR B 156 -2.01 -4.25 -20.03
CA TYR B 156 -2.83 -3.04 -20.14
C TYR B 156 -3.37 -2.77 -18.74
N ILE B 157 -3.18 -1.54 -18.24
CA ILE B 157 -3.71 -1.17 -16.95
C ILE B 157 -4.79 -0.17 -17.36
N ASN B 158 -6.03 -0.64 -17.35
CA ASN B 158 -7.15 0.14 -17.78
C ASN B 158 -7.78 1.00 -16.68
N LEU B 159 -7.84 2.30 -16.94
CA LEU B 159 -8.41 3.24 -15.97
C LEU B 159 -9.79 3.72 -16.42
N VAL B 160 -10.24 3.29 -17.58
CA VAL B 160 -11.54 3.71 -18.12
C VAL B 160 -12.66 2.98 -17.39
N GLU B 161 -13.41 3.72 -16.58
CA GLU B 161 -14.50 3.15 -15.78
C GLU B 161 -15.55 2.38 -16.58
N ASN B 162 -16.00 1.27 -16.00
CA ASN B 162 -17.04 0.42 -16.61
C ASN B 162 -16.77 -0.10 -18.00
N LYS B 163 -15.49 -0.24 -18.33
CA LYS B 163 -15.08 -0.77 -19.62
C LYS B 163 -13.92 -1.71 -19.37
N THR B 164 -13.65 -2.61 -20.33
CA THR B 164 -12.57 -3.57 -20.18
C THR B 164 -12.04 -4.02 -21.54
N LEU B 165 -11.05 -4.91 -21.51
CA LEU B 165 -10.46 -5.47 -22.71
C LEU B 165 -10.60 -6.98 -22.56
N GLU B 166 -10.72 -7.67 -23.69
CA GLU B 166 -10.90 -9.12 -23.69
C GLU B 166 -9.65 -9.91 -24.11
N PRO B 167 -9.55 -11.17 -23.65
CA PRO B 167 -8.42 -12.04 -23.96
C PRO B 167 -8.31 -12.35 -25.45
N ASP B 168 -7.08 -12.56 -25.90
CA ASP B 168 -6.82 -12.94 -27.29
C ASP B 168 -5.85 -14.09 -27.15
N GLU B 169 -6.34 -15.32 -27.24
CA GLU B 169 -5.44 -16.44 -27.05
C GLU B 169 -4.28 -16.52 -28.02
N ASP B 170 -4.38 -15.87 -29.18
CA ASP B 170 -3.29 -15.93 -30.17
C ASP B 170 -2.35 -14.73 -30.14
N ASP B 171 -2.73 -13.68 -29.44
CA ASP B 171 -1.89 -12.47 -29.36
C ASP B 171 -2.23 -11.98 -27.96
N GLN B 172 -1.69 -12.69 -26.97
CA GLN B 172 -2.01 -12.43 -25.57
C GLN B 172 -1.51 -11.18 -24.89
N ARG B 173 -2.30 -10.75 -23.90
CA ARG B 173 -1.96 -9.59 -23.10
C ARG B 173 -2.58 -9.76 -21.73
N PHE B 174 -1.92 -9.22 -20.70
CA PHE B 174 -2.50 -9.25 -19.36
C PHE B 174 -3.40 -8.02 -19.33
N ILE B 175 -4.57 -8.12 -18.70
CA ILE B 175 -5.48 -6.96 -18.61
C ILE B 175 -5.84 -6.75 -17.14
N VAL B 176 -5.58 -5.55 -16.63
CA VAL B 176 -5.87 -5.21 -15.24
C VAL B 176 -6.81 -4.01 -15.28
N ASP B 177 -8.01 -4.19 -14.74
CA ASP B 177 -8.98 -3.11 -14.71
C ASP B 177 -8.80 -2.34 -13.41
N GLY B 178 -7.90 -1.37 -13.45
CA GLY B 178 -7.60 -0.60 -12.27
C GLY B 178 -8.81 0.11 -11.70
N TRP B 179 -9.68 0.59 -12.56
CA TRP B 179 -10.87 1.27 -12.07
C TRP B 179 -11.72 0.36 -11.21
N ALA B 180 -11.65 -0.95 -11.45
CA ALA B 180 -12.48 -1.87 -10.68
C ALA B 180 -12.00 -1.99 -9.25
N ALA B 181 -10.71 -1.74 -9.03
CA ALA B 181 -10.18 -1.80 -7.68
C ALA B 181 -10.87 -0.69 -6.89
N GLY B 182 -11.02 0.49 -7.52
CA GLY B 182 -11.68 1.59 -6.85
C GLY B 182 -13.17 1.33 -6.64
N LYS B 183 -13.83 0.69 -7.59
CA LYS B 183 -15.24 0.38 -7.44
C LYS B 183 -15.47 -0.47 -6.20
N PHE B 184 -14.54 -1.39 -5.93
CA PHE B 184 -14.65 -2.25 -4.76
C PHE B 184 -13.98 -1.70 -3.49
N GLY B 185 -13.67 -0.41 -3.51
CA GLY B 185 -13.07 0.24 -2.35
C GLY B 185 -11.74 -0.30 -1.87
N LEU B 186 -10.95 -0.85 -2.79
CA LEU B 186 -9.65 -1.37 -2.43
C LEU B 186 -8.65 -0.24 -2.25
N ASP B 187 -7.51 -0.59 -1.67
CA ASP B 187 -6.42 0.36 -1.53
C ASP B 187 -5.84 0.25 -2.96
N VAL B 188 -6.12 1.23 -3.81
CA VAL B 188 -5.69 1.13 -5.22
C VAL B 188 -4.18 1.09 -5.50
N PRO B 189 -3.39 1.95 -4.83
CA PRO B 189 -1.95 1.90 -5.10
C PRO B 189 -1.42 0.50 -4.73
N LYS B 190 -1.89 -0.03 -3.61
CA LYS B 190 -1.46 -1.37 -3.18
C LYS B 190 -1.85 -2.40 -4.23
N PHE B 191 -3.08 -2.28 -4.71
CA PHE B 191 -3.60 -3.19 -5.73
C PHE B 191 -2.76 -3.17 -7.02
N LEU B 192 -2.46 -1.96 -7.51
CA LEU B 192 -1.68 -1.82 -8.75
C LEU B 192 -0.26 -2.33 -8.58
N ILE B 193 0.36 -2.06 -7.44
CA ILE B 193 1.72 -2.53 -7.25
C ILE B 193 1.70 -4.06 -7.09
N ALA B 194 0.66 -4.59 -6.46
CA ALA B 194 0.55 -6.06 -6.33
C ALA B 194 0.39 -6.67 -7.72
N ALA B 195 -0.33 -5.98 -8.62
CA ALA B 195 -0.51 -6.53 -9.96
C ALA B 195 0.84 -6.51 -10.70
N ALA B 196 1.60 -5.44 -10.53
CA ALA B 196 2.91 -5.34 -11.17
C ALA B 196 3.83 -6.44 -10.64
N ALA B 197 3.84 -6.64 -9.32
CA ALA B 197 4.69 -7.69 -8.73
C ALA B 197 4.28 -9.08 -9.19
N THR B 198 2.99 -9.24 -9.43
CA THR B 198 2.47 -10.53 -9.87
C THR B 198 3.06 -10.85 -11.24
N VAL B 199 2.98 -9.88 -12.14
CA VAL B 199 3.52 -10.09 -13.48
C VAL B 199 5.02 -10.35 -13.39
N GLU B 200 5.70 -9.59 -12.52
CA GLU B 200 7.16 -9.75 -12.37
C GLU B 200 7.52 -11.17 -11.91
N MET B 201 6.84 -11.62 -10.86
CA MET B 201 7.10 -12.94 -10.29
C MET B 201 6.75 -14.11 -11.21
N LEU B 202 5.81 -13.90 -12.12
CA LEU B 202 5.43 -14.96 -13.06
C LEU B 202 6.27 -14.84 -14.33
N GLY B 203 7.24 -13.93 -14.32
CA GLY B 203 8.13 -13.72 -15.45
C GLY B 203 7.41 -13.19 -16.68
N GLY B 204 6.34 -12.42 -16.45
CA GLY B 204 5.57 -11.85 -17.53
C GLY B 204 6.31 -10.66 -18.10
N PRO B 205 5.75 -10.01 -19.12
CA PRO B 205 6.39 -8.85 -19.75
C PRO B 205 6.26 -7.58 -18.92
N LYS B 206 7.39 -6.99 -18.54
CA LYS B 206 7.35 -5.75 -17.77
C LYS B 206 7.17 -4.57 -18.74
N LYS B 207 6.07 -4.59 -19.48
CA LYS B 207 5.76 -3.54 -20.44
C LYS B 207 4.31 -3.23 -20.19
N ALA B 208 4.03 -1.95 -19.95
CA ALA B 208 2.66 -1.56 -19.65
C ALA B 208 2.09 -0.42 -20.47
N LYS B 209 0.79 -0.52 -20.76
CA LYS B 209 0.12 0.56 -21.45
C LYS B 209 -1.03 0.97 -20.50
N ILE B 210 -0.99 2.21 -20.02
CA ILE B 210 -2.02 2.70 -19.10
C ILE B 210 -3.09 3.36 -19.97
N VAL B 211 -4.30 2.79 -19.92
CA VAL B 211 -5.40 3.29 -20.74
C VAL B 211 -6.25 4.36 -20.07
N ILE B 212 -6.36 5.53 -20.70
CA ILE B 212 -7.17 6.61 -20.15
C ILE B 212 -8.29 6.93 -21.12
N PRO B 213 -9.36 7.58 -20.64
CA PRO B 213 -10.49 7.93 -21.53
C PRO B 213 -10.03 8.73 -22.75
CD CD C . 2.85 14.13 8.54
C ACT D . 1.24 13.67 11.42
O ACT D . 0.18 13.50 10.87
OXT ACT D . 2.21 14.30 10.79
CH3 ACT D . 1.47 13.15 12.83
CD CD E . -4.92 -16.24 -12.57
C ACT F . -2.12 -14.59 -13.23
O ACT F . -1.92 -15.23 -14.25
OXT ACT F . -2.87 -15.11 -12.27
CH3 ACT F . -1.57 -13.19 -13.08
#